data_7N9A
#
_entry.id   7N9A
#
_cell.length_a   1.00
_cell.length_b   1.00
_cell.length_c   1.00
_cell.angle_alpha   90.00
_cell.angle_beta   90.00
_cell.angle_gamma   90.00
#
_symmetry.space_group_name_H-M   'P 1'
#
loop_
_entity.id
_entity.type
_entity.pdbx_description
1 polymer 'Nanobody Nb21'
2 polymer 'Spike protein S1'
#
loop_
_entity_poly.entity_id
_entity_poly.type
_entity_poly.pdbx_seq_one_letter_code
_entity_poly.pdbx_strand_id
1 'polypeptide(L)'
;QVQLVESGGGLVQAGGSLRLSCAVSGLGAHRVGWFRRAPGKEREFVAAIGANGGNTNYLDSVKGRFTISRDNAKNTIYLQ
MNSLKPQDTAVYYCAARDIETAEYTYWGQGTQVTVSS
;
A
2 'polypeptide(L)'
;NLCPFGEVFNATRFASVYAWNRKRISNCVADYSVLYNSASFSTFKCYGVSPTKLNDLCFTNVYADSFVIRGDEVRQIAPG
QTGKIADYNYKLPDDFTGCVIAWNSNNLDSKVGGNYNYLYRLFRKSNLKPFERDISTEIYQAGSTPCNGVEGFNCYFPLQ
SYGFQPTNGVGYQPYRVVVLSFELLHAPATVCGPK
;
E
#
# COMPACT_ATOMS: atom_id res chain seq x y z
N GLN A 1 13.16 -1.36 -20.17
CA GLN A 1 11.76 -0.98 -19.97
C GLN A 1 10.83 -2.19 -20.02
N VAL A 2 9.58 -1.95 -19.67
CA VAL A 2 8.53 -2.97 -19.68
C VAL A 2 7.64 -2.83 -20.91
N GLN A 3 7.46 -3.94 -21.61
CA GLN A 3 6.61 -4.04 -22.79
C GLN A 3 5.71 -5.25 -22.62
N LEU A 4 4.46 -5.14 -23.02
CA LEU A 4 3.50 -6.22 -22.82
C LEU A 4 2.96 -6.71 -24.16
N VAL A 5 2.67 -8.01 -24.22
CA VAL A 5 2.14 -8.65 -25.42
C VAL A 5 0.79 -9.27 -25.04
N GLU A 6 -0.26 -8.88 -25.76
CA GLU A 6 -1.61 -9.34 -25.45
C GLU A 6 -2.02 -10.46 -26.39
N SER A 7 -2.58 -11.52 -25.82
CA SER A 7 -3.00 -12.67 -26.60
C SER A 7 -4.36 -13.09 -26.09
N GLY A 8 -5.00 -13.98 -26.84
CA GLY A 8 -6.33 -14.43 -26.47
C GLY A 8 -7.46 -13.77 -27.23
N GLY A 9 -7.16 -13.00 -28.27
CA GLY A 9 -8.19 -12.26 -28.98
C GLY A 9 -8.77 -12.98 -30.18
N GLY A 10 -10.09 -13.12 -30.19
CA GLY A 10 -10.76 -13.73 -31.33
C GLY A 10 -12.26 -13.56 -31.20
N LEU A 11 -12.95 -13.90 -32.28
CA LEU A 11 -14.40 -13.88 -32.27
C LEU A 11 -14.96 -15.07 -31.48
N VAL A 12 -16.09 -14.84 -30.81
CA VAL A 12 -16.80 -15.85 -30.04
C VAL A 12 -18.29 -15.67 -30.31
N GLN A 13 -19.09 -16.66 -29.91
CA GLN A 13 -20.53 -16.55 -30.03
C GLN A 13 -21.11 -15.77 -28.85
N ALA A 14 -22.41 -15.45 -28.96
CA ALA A 14 -23.11 -14.70 -27.92
C ALA A 14 -23.16 -15.45 -26.60
N GLY A 15 -22.70 -14.79 -25.54
CA GLY A 15 -22.67 -15.36 -24.22
C GLY A 15 -21.39 -16.09 -23.91
N GLY A 16 -20.50 -16.22 -24.88
CA GLY A 16 -19.27 -16.95 -24.67
C GLY A 16 -18.28 -16.17 -23.82
N SER A 17 -17.37 -16.91 -23.22
CA SER A 17 -16.31 -16.33 -22.43
C SER A 17 -14.99 -16.61 -23.13
N LEU A 18 -14.29 -15.57 -23.52
CA LEU A 18 -12.96 -15.74 -24.09
C LEU A 18 -11.96 -15.26 -23.05
N ARG A 19 -11.03 -16.13 -22.68
CA ARG A 19 -10.09 -15.87 -21.60
C ARG A 19 -8.88 -15.09 -22.15
N LEU A 20 -8.76 -13.84 -21.72
CA LEU A 20 -7.71 -12.93 -22.17
C LEU A 20 -6.54 -12.98 -21.21
N SER A 21 -5.47 -13.63 -21.65
CA SER A 21 -4.26 -13.79 -20.87
C SER A 21 -3.15 -13.02 -21.56
N CYS A 22 -2.53 -12.09 -20.85
CA CYS A 22 -1.53 -11.20 -21.41
C CYS A 22 -0.17 -11.45 -20.78
N ALA A 23 0.83 -11.80 -21.60
CA ALA A 23 2.18 -12.01 -21.09
C ALA A 23 2.77 -10.67 -20.68
N VAL A 24 3.42 -10.60 -19.53
CA VAL A 24 4.01 -9.34 -19.12
C VAL A 24 5.49 -9.51 -18.78
N SER A 25 6.31 -8.55 -19.16
CA SER A 25 7.75 -8.56 -18.90
C SER A 25 8.04 -7.52 -17.83
N GLY A 26 8.83 -7.84 -16.81
CA GLY A 26 9.16 -6.77 -15.88
C GLY A 26 8.14 -6.45 -14.81
N LEU A 27 7.05 -7.19 -14.76
CA LEU A 27 5.95 -6.96 -13.84
C LEU A 27 6.29 -7.37 -12.41
N GLY A 28 5.52 -6.81 -11.47
CA GLY A 28 5.67 -7.07 -10.06
C GLY A 28 5.46 -5.84 -9.18
N ALA A 29 5.98 -4.68 -9.56
CA ALA A 29 5.65 -3.50 -8.78
C ALA A 29 4.59 -2.65 -9.46
N HIS A 30 4.60 -2.64 -10.78
CA HIS A 30 3.68 -1.84 -11.56
C HIS A 30 2.26 -2.38 -11.46
N ARG A 31 1.29 -1.48 -11.48
CA ARG A 31 -0.10 -1.88 -11.54
C ARG A 31 -0.47 -2.11 -13.00
N VAL A 32 -1.43 -2.99 -13.25
CA VAL A 32 -1.83 -3.32 -14.61
C VAL A 32 -3.31 -3.04 -14.83
N GLY A 33 -3.62 -2.48 -15.99
CA GLY A 33 -4.98 -2.06 -16.30
C GLY A 33 -5.45 -2.62 -17.62
N TRP A 34 -6.77 -2.82 -17.72
CA TRP A 34 -7.42 -3.28 -18.94
C TRP A 34 -8.35 -2.21 -19.49
N PHE A 35 -8.17 -1.84 -20.75
CA PHE A 35 -8.98 -0.79 -21.37
C PHE A 35 -9.42 -1.25 -22.75
N ARG A 36 -10.52 -0.67 -23.22
CA ARG A 36 -11.11 -1.09 -24.48
C ARG A 36 -11.52 0.11 -25.32
N ARG A 37 -11.43 -0.05 -26.65
CA ARG A 37 -11.87 0.97 -27.59
C ARG A 37 -13.16 0.50 -28.24
N ALA A 38 -14.26 1.20 -27.99
CA ALA A 38 -15.50 0.84 -28.62
C ALA A 38 -15.39 1.30 -30.07
N PRO A 39 -16.29 0.85 -30.96
CA PRO A 39 -16.09 1.21 -32.38
C PRO A 39 -15.98 2.70 -32.63
N GLY A 40 -16.86 3.50 -32.04
CA GLY A 40 -16.71 4.94 -32.19
C GLY A 40 -16.44 5.66 -30.91
N LYS A 41 -16.05 4.95 -29.87
CA LYS A 41 -15.89 5.55 -28.55
C LYS A 41 -14.45 5.49 -28.07
N GLU A 42 -14.07 6.52 -27.34
CA GLU A 42 -12.75 6.61 -26.74
C GLU A 42 -12.71 5.63 -25.58
N ARG A 43 -11.51 5.30 -25.13
CA ARG A 43 -11.36 4.25 -24.13
C ARG A 43 -11.96 4.67 -22.81
N GLU A 44 -12.55 3.72 -22.11
CA GLU A 44 -12.93 3.94 -20.73
C GLU A 44 -12.49 2.73 -19.95
N PHE A 45 -12.19 2.95 -18.69
CA PHE A 45 -11.57 1.91 -17.88
C PHE A 45 -12.45 0.67 -17.83
N VAL A 46 -11.82 -0.50 -17.89
CA VAL A 46 -12.53 -1.77 -17.73
C VAL A 46 -12.17 -2.44 -16.41
N ALA A 47 -10.89 -2.68 -16.18
CA ALA A 47 -10.44 -3.25 -14.92
C ALA A 47 -8.94 -3.01 -14.75
N ALA A 48 -8.50 -3.01 -13.50
CA ALA A 48 -7.09 -2.95 -13.17
C ALA A 48 -6.89 -3.59 -11.82
N ILE A 49 -5.79 -4.31 -11.64
CA ILE A 49 -5.46 -4.88 -10.35
C ILE A 49 -4.04 -4.54 -9.94
N GLY A 50 -3.88 -4.12 -8.69
CA GLY A 50 -2.56 -3.89 -8.15
C GLY A 50 -1.89 -5.22 -7.83
N ALA A 51 -0.57 -5.22 -7.81
CA ALA A 51 0.13 -6.48 -7.60
C ALA A 51 -0.22 -7.04 -6.23
N ASN A 52 -0.45 -8.35 -6.18
CA ASN A 52 -0.71 -9.06 -4.92
C ASN A 52 -1.82 -8.34 -4.15
N GLY A 53 -2.87 -7.98 -4.85
CA GLY A 53 -3.92 -7.18 -4.26
C GLY A 53 -5.30 -7.60 -4.75
N GLY A 54 -6.28 -7.38 -3.89
CA GLY A 54 -7.67 -7.60 -4.21
C GLY A 54 -8.38 -6.29 -4.52
N ASN A 55 -7.63 -5.21 -4.73
CA ASN A 55 -8.16 -3.87 -4.95
C ASN A 55 -8.59 -3.76 -6.40
N THR A 56 -9.89 -3.92 -6.65
CA THR A 56 -10.41 -3.94 -8.01
C THR A 56 -11.49 -2.90 -8.16
N ASN A 57 -11.32 -2.03 -9.14
CA ASN A 57 -12.31 -1.02 -9.51
C ASN A 57 -12.81 -1.36 -10.91
N TYR A 58 -14.12 -1.52 -11.06
CA TYR A 58 -14.70 -1.85 -12.34
C TYR A 58 -15.73 -0.80 -12.75
N LEU A 59 -15.95 -0.68 -14.05
CA LEU A 59 -17.01 0.18 -14.53
C LEU A 59 -18.35 -0.45 -14.14
N ASP A 60 -19.37 0.38 -13.98
CA ASP A 60 -20.68 -0.20 -13.71
C ASP A 60 -21.11 -1.10 -14.86
N SER A 61 -20.71 -0.76 -16.09
CA SER A 61 -21.11 -1.51 -17.27
C SER A 61 -20.64 -2.95 -17.20
N VAL A 62 -19.41 -3.15 -16.74
CA VAL A 62 -18.81 -4.48 -16.63
C VAL A 62 -18.89 -5.05 -15.22
N LYS A 63 -19.60 -4.38 -14.32
CA LYS A 63 -19.65 -4.81 -12.92
C LYS A 63 -20.32 -6.16 -12.75
N GLY A 64 -19.72 -7.04 -11.95
CA GLY A 64 -20.38 -8.31 -11.68
C GLY A 64 -20.29 -9.40 -12.72
N ARG A 65 -19.49 -9.23 -13.76
CA ARG A 65 -19.28 -10.34 -14.69
C ARG A 65 -17.83 -10.50 -15.15
N PHE A 66 -16.96 -9.54 -14.90
CA PHE A 66 -15.56 -9.57 -15.32
C PHE A 66 -14.72 -9.53 -14.06
N THR A 67 -13.79 -10.47 -13.93
CA THR A 67 -12.88 -10.50 -12.79
C THR A 67 -11.48 -10.82 -13.26
N ILE A 68 -10.50 -10.41 -12.45
CA ILE A 68 -9.09 -10.49 -12.79
C ILE A 68 -8.36 -11.27 -11.70
N SER A 69 -7.25 -11.90 -12.12
CA SER A 69 -6.41 -12.70 -11.26
C SER A 69 -4.96 -12.40 -11.65
N ARG A 70 -4.06 -12.48 -10.68
CA ARG A 70 -2.66 -12.22 -10.90
C ARG A 70 -1.83 -13.43 -10.50
N ASP A 71 -1.08 -13.98 -11.46
CA ASP A 71 -0.23 -15.13 -11.15
C ASP A 71 0.93 -14.72 -10.24
N ASN A 72 1.66 -13.68 -10.64
CA ASN A 72 2.86 -13.14 -10.01
C ASN A 72 4.03 -14.10 -10.27
N ALA A 73 3.80 -15.17 -11.02
CA ALA A 73 4.79 -16.20 -11.31
C ALA A 73 5.14 -16.24 -12.79
N LYS A 74 4.13 -16.35 -13.65
CA LYS A 74 4.34 -16.35 -15.08
C LYS A 74 4.22 -14.95 -15.65
N ASN A 75 4.12 -13.94 -14.79
CA ASN A 75 4.06 -12.54 -15.20
C ASN A 75 2.96 -12.31 -16.23
N THR A 76 1.74 -12.71 -15.85
CA THR A 76 0.58 -12.57 -16.70
C THR A 76 -0.59 -12.02 -15.89
N ILE A 77 -1.51 -11.36 -16.58
CA ILE A 77 -2.77 -10.91 -16.01
C ILE A 77 -3.89 -11.54 -16.82
N TYR A 78 -4.86 -12.12 -16.13
CA TYR A 78 -5.95 -12.80 -16.83
C TYR A 78 -7.28 -12.11 -16.60
N LEU A 79 -8.07 -11.95 -17.66
CA LEU A 79 -9.38 -11.33 -17.56
C LEU A 79 -10.40 -12.36 -18.04
N GLN A 80 -11.31 -12.77 -17.15
CA GLN A 80 -12.38 -13.67 -17.55
C GLN A 80 -13.61 -12.86 -17.95
N MET A 81 -13.94 -12.85 -19.25
CA MET A 81 -15.12 -12.11 -19.69
C MET A 81 -16.30 -13.07 -19.67
N ASN A 82 -17.26 -12.89 -18.76
CA ASN A 82 -18.33 -13.87 -18.63
C ASN A 82 -19.64 -13.32 -19.15
N SER A 83 -20.30 -14.08 -20.02
CA SER A 83 -21.61 -13.76 -20.57
C SER A 83 -21.62 -12.37 -21.22
N LEU A 84 -20.74 -12.18 -22.20
CA LEU A 84 -20.58 -10.86 -22.78
C LEU A 84 -21.85 -10.47 -23.53
N LYS A 85 -22.41 -9.30 -23.21
CA LYS A 85 -23.50 -8.79 -24.02
C LYS A 85 -22.97 -8.28 -25.35
N PRO A 86 -23.66 -8.56 -26.46
CA PRO A 86 -23.12 -8.26 -27.80
C PRO A 86 -22.43 -6.91 -28.00
N GLN A 87 -22.99 -5.81 -27.54
CA GLN A 87 -22.40 -4.52 -27.89
C GLN A 87 -21.13 -4.21 -27.10
N ASP A 88 -20.57 -5.18 -26.39
CA ASP A 88 -19.32 -4.97 -25.67
C ASP A 88 -18.09 -5.11 -26.54
N THR A 89 -18.25 -5.41 -27.83
CA THR A 89 -17.09 -5.67 -28.68
C THR A 89 -16.12 -4.50 -28.67
N ALA A 90 -14.86 -4.79 -28.40
CA ALA A 90 -13.84 -3.76 -28.30
C ALA A 90 -12.47 -4.43 -28.32
N VAL A 91 -11.45 -3.60 -28.55
CA VAL A 91 -10.05 -4.03 -28.49
C VAL A 91 -9.50 -3.73 -27.11
N TYR A 92 -9.03 -4.77 -26.43
CA TYR A 92 -8.56 -4.67 -25.05
C TYR A 92 -7.04 -4.56 -25.01
N TYR A 93 -6.55 -3.59 -24.24
CA TYR A 93 -5.12 -3.31 -24.14
C TYR A 93 -4.62 -3.36 -22.71
N CYS A 94 -3.50 -4.06 -22.51
CA CYS A 94 -2.85 -4.08 -21.20
C CYS A 94 -2.08 -2.77 -21.04
N ALA A 95 -2.07 -2.23 -19.81
CA ALA A 95 -1.27 -1.04 -19.58
C ALA A 95 -0.67 -1.06 -18.17
N ALA A 96 0.43 -0.34 -18.01
CA ALA A 96 1.15 -0.29 -16.75
C ALA A 96 1.36 1.15 -16.32
N ARG A 97 1.49 1.36 -15.01
CA ARG A 97 1.69 2.68 -14.43
C ARG A 97 2.98 2.77 -13.62
N ASP A 98 3.57 3.97 -13.60
CA ASP A 98 4.76 4.21 -12.80
C ASP A 98 4.31 5.13 -11.68
N ILE A 99 4.72 6.40 -11.73
CA ILE A 99 4.17 7.42 -10.83
C ILE A 99 3.14 8.11 -11.73
N GLU A 100 1.88 7.76 -11.57
CA GLU A 100 0.90 8.18 -12.56
C GLU A 100 0.85 9.70 -12.66
N THR A 101 0.95 10.20 -13.90
CA THR A 101 0.81 11.64 -14.14
C THR A 101 -0.43 11.93 -14.99
N ALA A 102 -0.25 12.18 -16.29
CA ALA A 102 -1.40 12.35 -17.16
C ALA A 102 -2.21 11.06 -17.29
N GLU A 103 -1.54 9.93 -17.42
CA GLU A 103 -2.15 8.62 -17.67
C GLU A 103 -1.07 7.55 -17.49
N TYR A 104 -1.50 6.29 -17.63
CA TYR A 104 -0.59 5.16 -17.57
C TYR A 104 0.52 5.30 -18.61
N THR A 105 1.76 5.10 -18.19
CA THR A 105 2.89 5.35 -19.07
C THR A 105 3.02 4.36 -20.23
N TYR A 106 2.88 3.07 -19.97
CA TYR A 106 3.13 2.03 -20.97
C TYR A 106 1.88 1.40 -21.55
N TRP A 107 1.76 1.43 -22.88
CA TRP A 107 0.67 0.82 -23.62
C TRP A 107 1.09 -0.33 -24.54
N GLY A 108 0.54 -1.50 -24.29
CA GLY A 108 0.77 -2.61 -25.18
C GLY A 108 -0.14 -2.48 -26.40
N GLN A 109 0.15 -3.20 -27.47
CA GLN A 109 -0.69 -3.09 -28.65
C GLN A 109 -2.06 -3.76 -28.53
N GLY A 110 -2.20 -4.77 -27.68
CA GLY A 110 -3.51 -5.40 -27.45
C GLY A 110 -3.90 -6.48 -28.44
N THR A 111 -5.20 -6.79 -28.44
CA THR A 111 -5.77 -7.83 -29.30
C THR A 111 -7.26 -7.55 -29.52
N GLN A 112 -7.83 -8.24 -30.51
CA GLN A 112 -9.22 -8.05 -30.94
C GLN A 112 -10.14 -9.18 -30.51
N VAL A 113 -11.15 -8.88 -29.71
CA VAL A 113 -12.15 -9.85 -29.29
C VAL A 113 -13.53 -9.31 -29.66
N THR A 114 -14.25 -10.02 -30.52
CA THR A 114 -15.59 -9.61 -30.95
C THR A 114 -16.59 -10.74 -30.73
N VAL A 115 -17.70 -10.44 -30.07
CA VAL A 115 -18.74 -11.45 -29.94
C VAL A 115 -19.61 -11.45 -31.19
N SER A 116 -20.28 -12.58 -31.43
CA SER A 116 -21.22 -12.73 -32.53
C SER A 116 -22.59 -13.08 -31.97
N SER A 117 -23.60 -12.33 -32.38
CA SER A 117 -24.96 -12.59 -31.90
C SER A 117 -25.40 -13.98 -32.33
N ASN B 1 1.62 -10.30 35.13
CA ASN B 1 1.74 -9.80 33.76
C ASN B 1 3.02 -8.99 33.54
N LEU B 2 3.67 -9.22 32.41
CA LEU B 2 4.73 -8.34 31.93
C LEU B 2 4.28 -7.80 30.58
N CYS B 3 4.62 -6.55 30.29
CA CYS B 3 4.06 -5.90 29.11
C CYS B 3 4.34 -6.70 27.86
N PRO B 4 3.41 -6.78 26.95
CA PRO B 4 3.65 -7.46 25.67
C PRO B 4 4.41 -6.57 24.72
N PHE B 5 5.47 -5.91 25.22
CA PHE B 5 6.28 -5.12 24.31
C PHE B 5 7.03 -5.99 23.33
N GLY B 6 7.57 -7.12 23.79
CA GLY B 6 8.35 -7.94 22.87
C GLY B 6 7.51 -8.50 21.75
N GLU B 7 6.30 -8.99 22.09
CA GLU B 7 5.42 -9.62 21.11
C GLU B 7 5.14 -8.72 19.92
N VAL B 8 4.79 -7.46 20.19
CA VAL B 8 4.54 -6.50 19.11
C VAL B 8 5.77 -6.27 18.24
N PHE B 9 6.96 -6.18 18.85
CA PHE B 9 8.14 -5.81 18.07
C PHE B 9 8.51 -6.89 17.06
N ASN B 10 8.36 -8.15 17.44
CA ASN B 10 8.72 -9.30 16.60
C ASN B 10 7.50 -9.99 16.01
N ALA B 11 6.34 -9.31 16.00
CA ALA B 11 5.10 -9.95 15.59
C ALA B 11 5.16 -10.42 14.14
N THR B 12 4.42 -11.49 13.88
CA THR B 12 4.35 -12.09 12.55
C THR B 12 3.78 -11.15 11.49
N ARG B 13 2.73 -10.41 11.82
CA ARG B 13 2.10 -9.51 10.84
C ARG B 13 2.09 -8.04 11.25
N PHE B 14 2.64 -7.20 10.38
CA PHE B 14 2.56 -5.74 10.48
C PHE B 14 1.82 -5.22 9.26
N ALA B 15 0.87 -4.31 9.47
CA ALA B 15 0.00 -3.88 8.40
C ALA B 15 0.68 -2.84 7.53
N SER B 16 0.03 -2.47 6.44
CA SER B 16 0.57 -1.45 5.55
C SER B 16 0.49 -0.08 6.22
N VAL B 17 1.26 0.88 5.69
CA VAL B 17 1.31 2.20 6.29
C VAL B 17 0.04 3.00 6.05
N TYR B 18 -0.71 2.70 4.99
CA TYR B 18 -1.96 3.42 4.78
C TYR B 18 -2.94 3.15 5.92
N ALA B 19 -3.01 1.91 6.38
CA ALA B 19 -3.93 1.51 7.45
C ALA B 19 -3.13 0.83 8.54
N TRP B 20 -2.75 1.60 9.55
CA TRP B 20 -1.91 1.12 10.63
C TRP B 20 -2.75 0.44 11.71
N ASN B 21 -2.09 -0.34 12.55
CA ASN B 21 -2.74 -0.99 13.68
C ASN B 21 -2.31 -0.37 15.00
N ARG B 22 -3.28 0.04 15.80
CA ARG B 22 -3.07 0.71 17.08
C ARG B 22 -3.55 -0.21 18.18
N LYS B 23 -2.68 -0.52 19.14
CA LYS B 23 -3.02 -1.36 20.27
C LYS B 23 -2.65 -0.65 21.57
N ARG B 24 -3.55 -0.69 22.56
CA ARG B 24 -3.34 0.05 23.79
C ARG B 24 -2.71 -0.85 24.85
N ILE B 25 -1.51 -0.47 25.30
CA ILE B 25 -0.83 -1.16 26.39
C ILE B 25 -1.48 -0.79 27.71
N SER B 26 -1.74 -1.76 28.58
CA SER B 26 -2.46 -1.39 29.78
C SER B 26 -2.06 -2.20 31.01
N ASN B 27 -1.92 -1.50 32.13
CA ASN B 27 -1.66 -2.07 33.45
C ASN B 27 -0.44 -3.01 33.51
N CYS B 28 0.72 -2.55 33.04
CA CYS B 28 1.85 -3.47 32.97
C CYS B 28 3.16 -2.73 33.12
N VAL B 29 4.21 -3.52 33.38
CA VAL B 29 5.58 -3.04 33.56
C VAL B 29 6.38 -3.38 32.30
N ALA B 30 7.05 -2.40 31.72
CA ALA B 30 7.87 -2.63 30.52
C ALA B 30 9.33 -2.23 30.77
N ASP B 31 10.25 -3.14 30.40
CA ASP B 31 11.70 -2.90 30.50
C ASP B 31 12.22 -2.23 29.23
N TYR B 32 12.11 -0.91 29.18
CA TYR B 32 12.57 -0.17 28.02
C TYR B 32 14.08 -0.28 27.79
N SER B 33 14.88 -0.42 28.86
CA SER B 33 16.33 -0.40 28.71
C SER B 33 16.84 -1.58 27.88
N VAL B 34 16.20 -2.75 27.99
CA VAL B 34 16.73 -3.90 27.25
C VAL B 34 16.65 -3.59 25.78
N LEU B 35 15.53 -3.02 25.33
CA LEU B 35 15.37 -2.71 23.93
C LEU B 35 16.38 -1.64 23.55
N TYR B 36 16.60 -0.68 24.46
CA TYR B 36 17.48 0.44 24.18
C TYR B 36 18.89 -0.01 23.82
N ASN B 37 19.53 -0.78 24.71
CA ASN B 37 20.92 -1.17 24.42
C ASN B 37 21.07 -2.16 23.27
N SER B 38 20.06 -2.95 22.94
CA SER B 38 20.20 -3.99 21.92
C SER B 38 20.53 -3.40 20.55
N ALA B 39 21.38 -4.10 19.80
CA ALA B 39 21.82 -3.65 18.48
C ALA B 39 20.86 -4.06 17.39
N SER B 40 19.78 -4.75 17.76
CA SER B 40 18.75 -5.15 16.81
C SER B 40 18.11 -3.93 16.17
N PHE B 41 17.99 -2.85 16.93
CA PHE B 41 17.30 -1.64 16.49
C PHE B 41 18.26 -0.70 15.81
N SER B 42 18.00 -0.41 14.53
CA SER B 42 18.81 0.52 13.78
C SER B 42 18.56 1.97 14.20
N THR B 43 17.32 2.32 14.47
CA THR B 43 16.99 3.65 14.99
C THR B 43 16.09 3.52 16.20
N PHE B 44 16.45 4.18 17.30
CA PHE B 44 15.64 4.19 18.51
C PHE B 44 15.44 5.63 18.96
N LYS B 45 15.28 6.54 17.99
CA LYS B 45 15.22 7.96 18.32
C LYS B 45 14.05 8.22 19.27
N CYS B 46 14.31 8.97 20.34
CA CYS B 46 13.29 9.27 21.35
C CYS B 46 13.07 10.77 21.47
N TYR B 47 11.80 11.17 21.45
CA TYR B 47 11.36 12.57 21.48
C TYR B 47 10.56 12.83 22.75
N GLY B 48 10.90 13.90 23.44
CA GLY B 48 10.19 14.29 24.64
C GLY B 48 10.79 13.75 25.91
N VAL B 49 11.63 12.75 25.78
CA VAL B 49 12.35 12.18 26.92
C VAL B 49 13.58 11.46 26.38
N SER B 50 14.69 11.64 27.07
CA SER B 50 15.89 10.90 26.72
C SER B 50 15.67 9.42 27.03
N PRO B 51 16.13 8.52 26.17
CA PRO B 51 16.00 7.08 26.50
C PRO B 51 16.67 6.70 27.81
N THR B 52 17.84 7.26 28.11
CA THR B 52 18.55 6.82 29.31
C THR B 52 17.70 7.04 30.55
N LYS B 53 17.03 8.19 30.65
CA LYS B 53 16.30 8.51 31.86
C LYS B 53 14.90 7.90 31.84
N LEU B 54 14.54 7.19 30.77
CA LEU B 54 13.20 6.63 30.61
C LEU B 54 12.99 5.48 31.57
N ASN B 55 14.06 5.04 32.22
CA ASN B 55 14.06 3.87 33.08
C ASN B 55 13.01 3.92 34.17
N ASP B 56 12.91 5.05 34.89
CA ASP B 56 12.03 5.09 36.05
C ASP B 56 10.79 5.99 35.89
N LEU B 57 10.44 6.43 34.69
CA LEU B 57 9.28 7.30 34.61
C LEU B 57 8.02 6.46 34.74
N CYS B 58 6.97 7.02 35.33
CA CYS B 58 5.68 6.34 35.40
C CYS B 58 4.75 7.05 34.40
N PHE B 59 4.07 6.29 33.53
CA PHE B 59 3.30 6.85 32.42
C PHE B 59 1.84 6.42 32.42
N THR B 60 0.92 7.38 32.30
CA THR B 60 -0.52 7.07 32.32
C THR B 60 -1.05 6.30 31.11
N ASN B 61 -0.52 6.53 29.91
CA ASN B 61 -0.93 5.72 28.78
C ASN B 61 0.16 5.64 27.72
N VAL B 62 0.36 4.46 27.16
CA VAL B 62 1.32 4.26 26.09
C VAL B 62 0.61 3.51 24.97
N TYR B 63 0.85 3.93 23.72
CA TYR B 63 0.17 3.37 22.57
C TYR B 63 1.15 2.71 21.60
N ALA B 64 0.78 1.55 21.09
CA ALA B 64 1.62 0.81 20.14
C ALA B 64 1.11 1.07 18.73
N ASP B 65 2.00 1.48 17.84
CA ASP B 65 1.62 1.77 16.46
C ASP B 65 2.53 0.99 15.52
N SER B 66 1.94 0.41 14.47
CA SER B 66 2.72 -0.44 13.58
C SER B 66 2.49 -0.08 12.12
N PHE B 67 3.59 -0.02 11.37
CA PHE B 67 3.59 0.17 9.93
C PHE B 67 4.94 -0.28 9.37
N VAL B 68 4.97 -0.59 8.07
CA VAL B 68 6.21 -0.92 7.37
C VAL B 68 6.49 0.09 6.25
N ILE B 69 7.68 0.70 6.29
CA ILE B 69 8.09 1.70 5.31
C ILE B 69 9.54 1.37 4.95
N ARG B 70 9.97 1.86 3.79
CA ARG B 70 11.32 1.59 3.31
C ARG B 70 12.34 2.45 4.05
N GLY B 71 13.61 2.06 3.92
CA GLY B 71 14.68 2.77 4.62
C GLY B 71 14.82 4.23 4.25
N ASP B 72 14.58 4.55 2.98
CA ASP B 72 14.76 5.93 2.53
C ASP B 72 13.90 6.89 3.33
N GLU B 73 12.67 6.47 3.62
CA GLU B 73 11.65 7.28 4.28
C GLU B 73 11.56 7.07 5.79
N VAL B 74 12.62 6.59 6.44
CA VAL B 74 12.65 6.51 7.90
C VAL B 74 12.75 7.89 8.53
N ARG B 75 13.49 8.80 7.88
CA ARG B 75 13.63 10.17 8.38
C ARG B 75 12.32 10.91 8.40
N GLN B 76 11.41 10.60 7.47
CA GLN B 76 10.15 11.30 7.35
C GLN B 76 9.16 11.06 8.48
N ILE B 77 9.40 10.18 9.43
CA ILE B 77 8.52 10.17 10.58
C ILE B 77 9.26 10.80 11.75
N ALA B 78 8.82 12.01 12.07
CA ALA B 78 9.32 12.89 13.11
C ALA B 78 8.37 14.07 13.18
N PRO B 79 8.34 14.81 14.27
CA PRO B 79 7.43 15.96 14.31
C PRO B 79 7.83 16.99 13.28
N GLY B 80 6.89 17.33 12.41
CA GLY B 80 7.08 18.45 11.51
C GLY B 80 7.65 18.17 10.13
N GLN B 81 7.98 16.92 9.79
CA GLN B 81 8.61 16.73 8.50
C GLN B 81 7.57 16.74 7.39
N THR B 82 7.97 17.21 6.22
CA THR B 82 7.06 17.36 5.09
C THR B 82 7.45 16.43 3.95
N GLY B 83 6.57 15.50 3.62
CA GLY B 83 6.85 14.53 2.57
C GLY B 83 5.61 13.75 2.26
N LYS B 84 5.66 12.96 1.19
CA LYS B 84 4.47 12.25 0.76
C LYS B 84 4.05 11.21 1.80
N ILE B 85 5.02 10.44 2.31
CA ILE B 85 4.73 9.37 3.25
C ILE B 85 4.30 9.95 4.59
N ALA B 86 4.97 11.01 5.03
CA ALA B 86 4.61 11.66 6.29
C ALA B 86 3.27 12.39 6.19
N ASP B 87 3.10 13.20 5.15
CA ASP B 87 1.91 14.05 5.06
C ASP B 87 0.64 13.26 4.76
N TYR B 88 0.69 12.28 3.87
CA TYR B 88 -0.57 11.66 3.47
C TYR B 88 -0.86 10.32 4.14
N ASN B 89 -0.04 9.89 5.08
CA ASN B 89 -0.26 8.58 5.70
C ASN B 89 -0.19 8.64 7.22
N TYR B 90 0.99 8.87 7.78
CA TYR B 90 1.16 9.00 9.22
C TYR B 90 1.93 10.28 9.52
N LYS B 91 1.32 11.18 10.28
CA LYS B 91 1.97 12.42 10.70
C LYS B 91 2.07 12.43 12.22
N LEU B 92 3.29 12.55 12.74
CA LEU B 92 3.44 12.65 14.18
C LEU B 92 2.99 14.04 14.65
N PRO B 93 2.41 14.14 15.83
CA PRO B 93 2.05 15.47 16.36
C PRO B 93 3.30 16.29 16.64
N ASP B 94 3.14 17.62 16.59
CA ASP B 94 4.28 18.51 16.80
C ASP B 94 4.92 18.30 18.17
N ASP B 95 4.12 17.94 19.16
CA ASP B 95 4.60 17.78 20.53
C ASP B 95 4.63 16.30 20.92
N PHE B 96 4.84 15.42 19.94
CA PHE B 96 4.75 13.99 20.20
C PHE B 96 5.74 13.64 21.29
N THR B 97 5.28 12.90 22.30
CA THR B 97 6.13 12.40 23.37
C THR B 97 6.32 10.89 23.30
N GLY B 98 7.44 10.44 22.73
CA GLY B 98 7.68 9.03 22.58
C GLY B 98 8.86 8.74 21.68
N CYS B 99 8.98 7.47 21.29
CA CYS B 99 10.11 6.99 20.51
C CYS B 99 9.65 6.31 19.22
N VAL B 100 10.41 6.52 18.15
CA VAL B 100 10.20 5.85 16.88
C VAL B 100 11.33 4.82 16.71
N ILE B 101 10.98 3.56 16.56
CA ILE B 101 11.99 2.50 16.48
C ILE B 101 11.87 1.78 15.15
N ALA B 102 12.99 1.60 14.45
CA ALA B 102 12.98 0.84 13.20
C ALA B 102 14.17 -0.11 13.14
N TRP B 103 13.96 -1.26 12.49
CA TRP B 103 15.02 -2.25 12.26
C TRP B 103 14.86 -2.82 10.85
N ASN B 104 15.98 -3.19 10.24
CA ASN B 104 15.92 -3.80 8.92
C ASN B 104 15.20 -5.14 8.98
N SER B 105 14.26 -5.35 8.08
CA SER B 105 13.41 -6.54 8.08
C SER B 105 13.38 -7.25 6.73
N ASN B 106 14.43 -7.11 5.91
CA ASN B 106 14.46 -7.83 4.65
C ASN B 106 14.51 -9.35 4.83
N ASN B 107 15.07 -9.82 5.94
CA ASN B 107 15.19 -11.27 6.14
C ASN B 107 13.83 -11.93 6.27
N LEU B 108 12.91 -11.34 7.02
CA LEU B 108 11.60 -11.97 7.26
C LEU B 108 10.51 -11.52 6.28
N ASP B 109 10.16 -10.23 6.31
CA ASP B 109 9.06 -9.75 5.49
C ASP B 109 9.32 -9.89 4.00
N SER B 110 10.52 -9.53 3.54
CA SER B 110 10.81 -9.62 2.12
C SER B 110 10.99 -11.06 1.67
N LYS B 111 10.55 -11.33 0.43
CA LYS B 111 10.62 -12.62 -0.21
C LYS B 111 11.31 -12.46 -1.56
N VAL B 112 12.05 -13.48 -1.99
CA VAL B 112 12.68 -13.41 -3.29
C VAL B 112 11.57 -13.37 -4.34
N GLY B 113 11.77 -12.56 -5.38
CA GLY B 113 10.74 -12.35 -6.37
C GLY B 113 9.87 -11.15 -6.07
N GLY B 114 10.00 -10.58 -4.87
CA GLY B 114 9.32 -9.38 -4.44
C GLY B 114 8.07 -9.60 -3.62
N ASN B 115 7.93 -8.87 -2.51
CA ASN B 115 6.72 -8.87 -1.70
C ASN B 115 5.96 -7.59 -2.02
N TYR B 116 4.80 -7.74 -2.64
CA TYR B 116 4.00 -6.61 -3.09
C TYR B 116 2.83 -6.29 -2.16
N ASN B 117 2.68 -7.02 -1.05
CA ASN B 117 1.57 -6.83 -0.12
C ASN B 117 1.49 -5.41 0.43
N TYR B 118 2.62 -4.84 0.84
CA TYR B 118 2.61 -3.53 1.45
C TYR B 118 2.30 -2.41 0.46
N LEU B 119 1.44 -1.48 0.88
CA LEU B 119 0.96 -0.40 0.03
C LEU B 119 0.99 0.94 0.76
N TYR B 120 1.28 2.02 0.02
CA TYR B 120 1.42 3.35 0.62
C TYR B 120 0.65 4.35 -0.23
N ARG B 121 0.00 5.32 0.42
CA ARG B 121 -0.80 6.26 -0.35
C ARG B 121 0.10 7.29 -1.01
N LEU B 122 -0.41 7.88 -2.10
CA LEU B 122 0.33 8.96 -2.74
C LEU B 122 -0.53 10.21 -2.98
N PHE B 123 -1.48 10.19 -3.91
CA PHE B 123 -2.29 11.37 -4.22
C PHE B 123 -3.50 11.42 -3.31
N ARG B 124 -3.58 12.44 -2.45
CA ARG B 124 -4.69 12.58 -1.53
C ARG B 124 -5.19 14.01 -1.59
N LYS B 125 -6.48 14.18 -1.30
CA LYS B 125 -7.12 15.49 -1.45
C LYS B 125 -6.49 16.53 -0.54
N SER B 126 -6.35 16.24 0.74
CA SER B 126 -5.88 17.22 1.71
C SER B 126 -5.00 16.54 2.73
N ASN B 127 -4.12 17.32 3.34
CA ASN B 127 -3.17 16.76 4.30
C ASN B 127 -3.89 16.30 5.56
N LEU B 128 -3.46 15.15 6.07
CA LEU B 128 -4.07 14.55 7.25
C LEU B 128 -3.56 15.24 8.51
N LYS B 129 -4.43 15.35 9.50
CA LYS B 129 -4.03 15.92 10.77
C LYS B 129 -3.34 14.84 11.59
N PRO B 130 -2.70 15.19 12.70
CA PRO B 130 -1.95 14.17 13.45
C PRO B 130 -2.77 12.95 13.81
N PHE B 131 -2.15 11.78 13.65
CA PHE B 131 -2.76 10.49 13.98
C PHE B 131 -4.11 10.26 13.30
N GLU B 132 -4.14 10.37 11.98
CA GLU B 132 -5.38 10.26 11.22
C GLU B 132 -5.23 9.21 10.12
N ARG B 133 -5.85 8.06 10.30
CA ARG B 133 -5.74 6.97 9.33
C ARG B 133 -6.81 7.13 8.26
N ASP B 134 -6.44 6.96 7.00
CA ASP B 134 -7.43 6.98 5.94
C ASP B 134 -7.42 5.65 5.19
N ILE B 135 -8.58 4.99 5.16
CA ILE B 135 -8.72 3.70 4.49
C ILE B 135 -9.50 3.83 3.19
N SER B 136 -9.84 5.06 2.81
CA SER B 136 -10.69 5.28 1.64
C SER B 136 -9.99 4.94 0.33
N THR B 137 -10.76 4.36 -0.58
CA THR B 137 -10.33 3.99 -1.93
C THR B 137 -11.07 4.84 -2.97
N GLU B 138 -11.66 5.95 -2.55
CA GLU B 138 -12.33 6.87 -3.47
C GLU B 138 -11.30 7.46 -4.40
N ILE B 139 -11.50 7.24 -5.71
CA ILE B 139 -10.57 7.74 -6.71
C ILE B 139 -10.35 9.24 -6.54
N TYR B 140 -9.11 9.66 -6.68
CA TYR B 140 -8.72 11.05 -6.46
C TYR B 140 -8.97 11.86 -7.74
N GLN B 141 -9.82 12.89 -7.61
CA GLN B 141 -10.17 13.82 -8.69
C GLN B 141 -9.12 14.92 -8.87
N ALA B 142 -7.89 14.51 -9.18
CA ALA B 142 -6.81 15.48 -9.28
C ALA B 142 -7.07 16.48 -10.41
N GLY B 143 -7.48 15.99 -11.56
CA GLY B 143 -7.75 16.88 -12.67
C GLY B 143 -9.09 17.55 -12.57
N SER B 144 -9.25 18.60 -13.39
CA SER B 144 -10.50 19.35 -13.36
C SER B 144 -11.67 18.47 -13.76
N THR B 145 -11.45 17.59 -14.74
CA THR B 145 -12.52 16.78 -15.29
C THR B 145 -13.11 15.89 -14.20
N PRO B 146 -14.43 15.73 -14.15
CA PRO B 146 -15.04 14.95 -13.07
C PRO B 146 -14.61 13.50 -13.14
N CYS B 147 -14.26 12.94 -11.97
CA CYS B 147 -13.76 11.58 -11.92
C CYS B 147 -14.89 10.58 -12.18
N ASN B 148 -16.04 10.83 -11.56
CA ASN B 148 -17.29 10.04 -11.65
C ASN B 148 -17.14 8.54 -11.34
N GLY B 149 -16.31 8.23 -10.34
CA GLY B 149 -16.01 6.87 -9.93
C GLY B 149 -15.24 5.89 -10.80
N VAL B 150 -14.56 6.29 -11.85
CA VAL B 150 -13.89 5.32 -12.70
C VAL B 150 -12.46 5.79 -12.93
N GLU B 151 -11.52 4.84 -12.89
CA GLU B 151 -10.12 5.21 -13.01
C GLU B 151 -9.78 5.64 -14.43
N GLY B 152 -8.69 6.37 -14.55
CA GLY B 152 -8.22 6.79 -15.85
C GLY B 152 -7.66 8.19 -15.82
N PHE B 153 -7.99 8.97 -16.84
CA PHE B 153 -7.52 10.35 -16.93
C PHE B 153 -8.04 11.10 -15.70
N ASN B 154 -7.13 11.69 -14.94
CA ASN B 154 -7.46 12.52 -13.79
C ASN B 154 -8.16 11.74 -12.70
N CYS B 155 -8.17 10.41 -12.79
CA CYS B 155 -8.70 9.53 -11.76
C CYS B 155 -7.55 8.63 -11.36
N TYR B 156 -6.99 8.88 -10.18
CA TYR B 156 -5.88 8.11 -9.66
C TYR B 156 -6.28 7.22 -8.50
N PHE B 157 -5.99 5.94 -8.61
CA PHE B 157 -6.18 5.04 -7.48
C PHE B 157 -5.11 5.39 -6.46
N PRO B 158 -5.45 5.75 -5.22
CA PRO B 158 -4.41 6.23 -4.30
C PRO B 158 -3.33 5.23 -3.97
N LEU B 159 -3.68 3.96 -3.79
CA LEU B 159 -2.72 2.95 -3.38
C LEU B 159 -1.73 2.55 -4.48
N GLN B 160 -0.47 2.35 -4.09
CA GLN B 160 0.60 1.85 -4.96
C GLN B 160 1.48 0.93 -4.13
N SER B 161 2.09 -0.06 -4.77
CA SER B 161 2.85 -1.06 -4.04
C SER B 161 4.34 -0.81 -4.11
N TYR B 162 4.99 -0.93 -2.95
CA TYR B 162 6.43 -0.78 -2.85
C TYR B 162 7.13 -1.93 -3.57
N GLY B 163 8.25 -1.63 -4.23
CA GLY B 163 8.95 -2.75 -4.85
C GLY B 163 9.98 -3.47 -4.00
N PHE B 164 9.51 -4.28 -3.06
CA PHE B 164 10.37 -4.99 -2.09
C PHE B 164 10.89 -6.35 -2.55
N GLN B 165 12.04 -6.31 -3.15
CA GLN B 165 12.88 -7.37 -3.69
C GLN B 165 14.13 -7.43 -2.82
N PRO B 166 14.61 -8.61 -2.46
CA PRO B 166 15.74 -8.69 -1.52
C PRO B 166 17.00 -8.00 -2.04
N THR B 167 17.25 -8.09 -3.34
CA THR B 167 18.44 -7.50 -3.93
C THR B 167 18.44 -5.98 -4.05
N ASN B 168 17.31 -5.29 -3.82
CA ASN B 168 17.30 -3.87 -4.14
C ASN B 168 18.25 -3.08 -3.25
N GLY B 169 18.43 -1.83 -3.65
CA GLY B 169 19.38 -0.95 -2.99
C GLY B 169 19.10 -0.78 -1.51
N VAL B 170 20.18 -0.43 -0.81
CA VAL B 170 20.16 -0.21 0.64
C VAL B 170 19.02 0.71 1.06
N GLY B 171 18.90 1.86 0.40
CA GLY B 171 17.79 2.76 0.64
C GLY B 171 16.41 2.15 0.48
N TYR B 172 16.21 1.28 -0.50
CA TYR B 172 14.87 0.79 -0.76
C TYR B 172 14.51 -0.44 0.07
N GLN B 173 15.38 -0.87 0.96
CA GLN B 173 15.15 -2.07 1.73
C GLN B 173 14.00 -1.88 2.73
N PRO B 174 13.29 -2.96 3.06
CA PRO B 174 12.22 -2.88 4.07
C PRO B 174 12.69 -2.60 5.48
N TYR B 175 11.93 -1.77 6.19
CA TYR B 175 12.18 -1.52 7.60
C TYR B 175 10.86 -1.63 8.35
N ARG B 176 10.94 -2.06 9.60
CA ARG B 176 9.76 -2.27 10.42
C ARG B 176 9.76 -1.16 11.46
N VAL B 177 8.67 -0.39 11.53
CA VAL B 177 8.65 0.77 12.42
C VAL B 177 7.53 0.65 13.44
N VAL B 178 7.86 0.83 14.71
CA VAL B 178 6.89 0.88 15.80
C VAL B 178 6.96 2.26 16.41
N VAL B 179 5.81 2.94 16.50
CA VAL B 179 5.72 4.25 17.15
C VAL B 179 5.07 4.09 18.51
N LEU B 180 5.78 4.46 19.57
CA LEU B 180 5.23 4.45 20.92
C LEU B 180 5.05 5.89 21.40
N SER B 181 3.81 6.27 21.68
CA SER B 181 3.50 7.62 22.13
C SER B 181 3.19 7.60 23.63
N PHE B 182 3.78 8.52 24.39
CA PHE B 182 3.63 8.51 25.83
C PHE B 182 2.93 9.79 26.29
N GLU B 183 2.11 9.68 27.34
CA GLU B 183 1.46 10.83 27.95
C GLU B 183 1.77 10.86 29.44
N LEU B 184 2.16 12.03 29.96
CA LEU B 184 2.48 12.16 31.38
C LEU B 184 1.48 13.13 32.02
N LEU B 185 0.96 12.75 33.18
CA LEU B 185 -0.04 13.54 33.89
C LEU B 185 -0.16 12.99 35.32
N HIS B 186 -0.80 13.76 36.19
CA HIS B 186 -1.04 13.28 37.56
C HIS B 186 -2.39 12.60 37.73
N ALA B 187 -2.39 11.28 37.54
CA ALA B 187 -3.58 10.44 37.63
C ALA B 187 -3.11 9.01 37.76
N PRO B 188 -4.01 8.06 38.05
CA PRO B 188 -3.59 6.66 38.03
C PRO B 188 -2.99 6.41 36.66
N ALA B 189 -1.81 5.84 36.63
CA ALA B 189 -1.12 5.58 35.38
C ALA B 189 -1.02 4.09 35.12
N THR B 190 -1.35 3.68 33.89
CA THR B 190 -1.35 2.25 33.57
C THR B 190 0.05 1.66 33.64
N VAL B 191 1.04 2.31 33.03
CA VAL B 191 2.37 1.74 33.00
C VAL B 191 3.23 2.59 33.94
N CYS B 192 3.77 1.97 34.97
CA CYS B 192 4.55 2.72 35.95
C CYS B 192 6.01 2.25 35.93
N GLY B 193 6.36 1.36 35.02
CA GLY B 193 7.73 0.90 34.90
C GLY B 193 8.07 -0.10 35.99
N PRO B 194 9.37 -0.34 36.21
CA PRO B 194 9.76 -1.27 37.28
C PRO B 194 9.32 -0.88 38.69
N LYS B 195 9.30 0.40 39.06
CA LYS B 195 8.98 0.76 40.45
C LYS B 195 7.49 0.74 40.76
#